data_2ZPI
#
_entry.id   2ZPI
#
_cell.length_a   114.046
_cell.length_b   60.230
_cell.length_c   81.480
_cell.angle_alpha   90.00
_cell.angle_beta   125.12
_cell.angle_gamma   90.00
#
_symmetry.space_group_name_H-M   'C 1 2 1'
#
loop_
_entity.id
_entity.type
_entity.pdbx_description
1 polymer 'Nitrile hydratase subunit alpha'
2 polymer 'Nitrile hydratase subunit beta'
3 non-polymer 'FE (III) ION'
4 non-polymer 'tert-butyl isocyanide'
5 non-polymer 'MAGNESIUM ION'
6 non-polymer 2-AMINO-2-HYDROXYMETHYL-PROPANE-1,3-DIOL
7 water water
#
loop_
_entity_poly.entity_id
_entity_poly.type
_entity_poly.pdbx_seq_one_letter_code
_entity_poly.pdbx_strand_id
1 'polypeptide(L)'
;SVTIDHTTENAAPAQAPVSDRAWALFRALDGKGLVPDGYVEGWKKTFEEDFSPRRGAELVARAWTDPEFRQLLLTDGTAA
VAQYGYLGPQGEYIVAVEDTPTLKNVIVCSL(CSD)S(CSO)TAWPILGLPPTWYKSFEYRARVVREPRKVLSEMGTEIA
SDIEIRVYDTTAETRYMVLPQRPAGTEGWSQEQLQEIVTKDCLIGVAIPQVPTV
;
A
2 'polypeptide(L)'
;MDGVHDLAGVQGFGKVPHTVNADIGPTFHAEWEHLPYSLMFAGVAELGAFSVDEVRYVVERMEPRHYMMTPYYERYVIGV
ATLMVEKGILTQDELESLAGGPFPLSRPSESEGRPAPVETTTFEVGQRVRVRDEYVPGHIRMPAYCRGRVGTISHRTTEK
WPFPDAIGHGRNDAGEEPTYHVKFAAEELFGSDTDGGSVVVDLFEGYLEPAA
;
B
#
loop_
_chem_comp.id
_chem_comp.type
_chem_comp.name
_chem_comp.formula
FE non-polymer 'FE (III) ION' 'Fe 3'
MG non-polymer 'MAGNESIUM ION' 'Mg 2'
TB0 non-polymer 'tert-butyl isocyanide' 'C5 H9 N'
TRS non-polymer 2-AMINO-2-HYDROXYMETHYL-PROPANE-1,3-DIOL 'C4 H12 N O3 1'
#
# COMPACT_ATOMS: atom_id res chain seq x y z
N ALA A 14 -22.81 -10.07 -15.25
CA ALA A 14 -23.96 -10.05 -14.30
C ALA A 14 -23.51 -10.50 -12.92
N GLN A 15 -23.89 -9.73 -11.90
CA GLN A 15 -23.48 -10.04 -10.54
C GLN A 15 -24.58 -9.76 -9.54
N ALA A 16 -24.69 -10.62 -8.53
CA ALA A 16 -25.56 -10.34 -7.40
C ALA A 16 -25.10 -9.05 -6.72
N PRO A 17 -25.98 -8.36 -5.99
CA PRO A 17 -25.52 -7.17 -5.29
C PRO A 17 -24.28 -7.44 -4.43
N VAL A 18 -23.36 -6.48 -4.37
CA VAL A 18 -22.12 -6.72 -3.64
C VAL A 18 -22.35 -7.06 -2.16
N SER A 19 -23.31 -6.39 -1.52
CA SER A 19 -23.62 -6.72 -0.14
C SER A 19 -23.99 -8.20 0.02
N ASP A 20 -24.79 -8.71 -0.92
CA ASP A 20 -25.18 -10.12 -0.87
C ASP A 20 -23.99 -11.06 -1.07
N ARG A 21 -23.07 -10.67 -1.96
CA ARG A 21 -21.87 -11.47 -2.18
C ARG A 21 -20.93 -11.44 -0.98
N ALA A 22 -20.73 -10.26 -0.40
CA ALA A 22 -19.87 -10.14 0.78
C ALA A 22 -20.42 -10.96 1.96
N TRP A 23 -21.72 -10.82 2.24
CA TRP A 23 -22.32 -11.60 3.32
C TRP A 23 -22.39 -13.10 3.01
N ALA A 24 -22.49 -13.45 1.72
CA ALA A 24 -22.44 -14.86 1.32
C ALA A 24 -21.08 -15.46 1.65
N LEU A 25 -20.02 -14.69 1.36
CA LEU A 25 -18.68 -15.15 1.70
C LEU A 25 -18.55 -15.35 3.21
N PHE A 26 -19.02 -14.38 3.99
CA PHE A 26 -19.01 -14.53 5.44
C PHE A 26 -19.78 -15.75 5.89
N ARG A 27 -21.00 -15.90 5.38
CA ARG A 27 -21.88 -16.98 5.84
C ARG A 27 -21.34 -18.35 5.44
N ALA A 28 -20.74 -18.44 4.26
CA ALA A 28 -20.19 -19.72 3.80
C ALA A 28 -19.06 -20.18 4.72
N LEU A 29 -18.22 -19.23 5.14
CA LEU A 29 -17.10 -19.58 6.00
C LEU A 29 -17.55 -19.78 7.45
N ASP A 30 -18.39 -18.88 7.94
CA ASP A 30 -18.88 -18.96 9.31
C ASP A 30 -19.66 -20.25 9.53
N GLY A 31 -20.46 -20.62 8.53
CA GLY A 31 -21.29 -21.81 8.61
C GLY A 31 -20.50 -23.11 8.65
N LYS A 32 -19.22 -23.04 8.32
CA LYS A 32 -18.30 -24.19 8.39
C LYS A 32 -17.38 -24.13 9.62
N GLY A 33 -17.62 -23.15 10.49
CA GLY A 33 -16.88 -23.02 11.74
C GLY A 33 -15.48 -22.44 11.59
N LEU A 34 -15.25 -21.77 10.45
CA LEU A 34 -13.91 -21.28 10.12
C LEU A 34 -13.66 -19.85 10.58
N VAL A 35 -14.69 -19.22 11.12
CA VAL A 35 -14.56 -17.84 11.61
C VAL A 35 -14.86 -17.79 13.12
N PRO A 36 -13.84 -17.53 13.94
CA PRO A 36 -14.09 -17.51 15.39
C PRO A 36 -15.20 -16.54 15.80
N ASP A 37 -15.81 -16.79 16.95
CA ASP A 37 -16.86 -15.90 17.43
C ASP A 37 -16.30 -14.50 17.64
N GLY A 38 -17.04 -13.50 17.16
CA GLY A 38 -16.67 -12.10 17.33
C GLY A 38 -15.49 -11.65 16.48
N TYR A 39 -15.08 -12.50 15.53
CA TYR A 39 -13.86 -12.24 14.76
C TYR A 39 -13.94 -11.00 13.87
N VAL A 40 -14.94 -10.97 12.98
CA VAL A 40 -15.04 -9.84 12.05
C VAL A 40 -15.44 -8.57 12.79
N GLU A 41 -16.20 -8.72 13.86
CA GLU A 41 -16.60 -7.59 14.68
C GLU A 41 -15.38 -6.97 15.37
N GLY A 42 -14.48 -7.82 15.85
CA GLY A 42 -13.23 -7.38 16.45
C GLY A 42 -12.35 -6.64 15.46
N TRP A 43 -12.23 -7.18 14.25
CA TRP A 43 -11.46 -6.47 13.23
C TRP A 43 -12.08 -5.13 12.89
N LYS A 44 -13.42 -5.09 12.79
CA LYS A 44 -14.11 -3.84 12.47
C LYS A 44 -13.76 -2.79 13.50
N LYS A 45 -13.73 -3.18 14.77
CA LYS A 45 -13.43 -2.25 15.85
C LYS A 45 -11.99 -1.74 15.73
N THR A 46 -11.05 -2.65 15.44
CA THR A 46 -9.66 -2.26 15.21
C THR A 46 -9.55 -1.25 14.07
N PHE A 47 -10.21 -1.55 12.95
CA PHE A 47 -10.15 -0.69 11.77
C PHE A 47 -10.77 0.68 12.01
N GLU A 48 -11.86 0.72 12.76
CA GLU A 48 -12.62 1.96 12.94
C GLU A 48 -12.10 2.81 14.08
N GLU A 49 -11.62 2.16 15.14
CA GLU A 49 -11.33 2.85 16.38
C GLU A 49 -9.85 2.93 16.75
N ASP A 50 -9.07 1.92 16.39
CA ASP A 50 -7.68 1.87 16.81
C ASP A 50 -6.72 2.41 15.76
N PHE A 51 -6.79 1.88 14.55
CA PHE A 51 -5.99 2.40 13.45
C PHE A 51 -6.45 3.84 13.18
N SER A 52 -5.54 4.80 13.29
CA SER A 52 -5.96 6.19 13.21
C SER A 52 -4.81 7.12 12.88
N PRO A 53 -5.06 8.12 12.01
CA PRO A 53 -4.02 9.11 11.72
C PRO A 53 -3.71 9.96 12.95
N ARG A 54 -4.52 9.88 14.00
CA ARG A 54 -4.22 10.61 15.23
C ARG A 54 -2.92 10.08 15.84
N ARG A 55 -2.64 8.81 15.60
CA ARG A 55 -1.40 8.20 16.07
C ARG A 55 -0.19 8.75 15.33
N GLY A 56 -0.26 8.78 14.00
CA GLY A 56 0.80 9.40 13.22
C GLY A 56 1.01 10.85 13.62
N ALA A 57 -0.09 11.57 13.89
CA ALA A 57 0.02 12.97 14.31
C ALA A 57 0.78 13.12 15.63
N GLU A 58 0.52 12.20 16.55
CA GLU A 58 1.24 12.17 17.82
C GLU A 58 2.74 11.97 17.61
N LEU A 59 3.10 11.06 16.70
CA LEU A 59 4.51 10.79 16.38
C LEU A 59 5.19 12.03 15.78
N VAL A 60 4.48 12.71 14.90
CA VAL A 60 5.03 13.91 14.25
C VAL A 60 5.24 15.01 15.29
N ALA A 61 4.23 15.26 16.14
CA ALA A 61 4.33 16.31 17.16
C ALA A 61 5.46 16.04 18.15
N ARG A 62 5.65 14.78 18.51
CA ARG A 62 6.78 14.39 19.35
C ARG A 62 8.10 14.68 18.64
N ALA A 63 8.21 14.25 17.38
CA ALA A 63 9.44 14.50 16.62
C ALA A 63 9.73 16.00 16.49
N TRP A 64 8.68 16.81 16.31
CA TRP A 64 8.84 18.26 16.16
C TRP A 64 9.35 18.92 17.44
N THR A 65 9.04 18.34 18.58
CA THR A 65 9.39 18.98 19.86
C THR A 65 10.53 18.29 20.61
N ASP A 66 10.99 17.16 20.10
CA ASP A 66 11.98 16.32 20.78
C ASP A 66 13.03 15.84 19.77
N PRO A 67 14.13 16.60 19.65
CA PRO A 67 15.18 16.27 18.66
C PRO A 67 15.69 14.84 18.77
N GLU A 68 15.73 14.28 19.98
CA GLU A 68 16.19 12.91 20.16
C GLU A 68 15.24 11.91 19.53
N PHE A 69 13.94 12.12 19.75
CA PHE A 69 12.94 11.24 19.15
C PHE A 69 12.92 11.39 17.63
N ARG A 70 13.08 12.62 17.15
CA ARG A 70 13.13 12.86 15.72
C ARG A 70 14.22 12.00 15.08
N GLN A 71 15.39 12.00 15.71
CA GLN A 71 16.52 11.21 15.22
C GLN A 71 16.19 9.72 15.22
N LEU A 72 15.56 9.23 16.28
CA LEU A 72 15.16 7.83 16.33
C LEU A 72 14.16 7.51 15.22
N LEU A 73 13.14 8.37 15.09
CA LEU A 73 12.08 8.17 14.10
C LEU A 73 12.64 8.09 12.69
N LEU A 74 13.63 8.92 12.39
CA LEU A 74 14.21 8.95 11.04
C LEU A 74 15.28 7.88 10.79
N THR A 75 15.79 7.25 11.85
CA THR A 75 16.85 6.25 11.66
C THR A 75 16.35 4.82 11.90
N ASP A 76 15.38 4.68 12.80
CA ASP A 76 14.76 3.39 13.08
C ASP A 76 13.28 3.66 13.33
N GLY A 77 12.52 3.89 12.27
CA GLY A 77 11.10 4.19 12.41
C GLY A 77 10.35 3.13 13.18
N THR A 78 10.68 1.86 12.93
CA THR A 78 10.02 0.75 13.62
C THR A 78 10.17 0.86 15.14
N ALA A 79 11.39 1.15 15.59
CA ALA A 79 11.63 1.26 17.02
C ALA A 79 10.89 2.44 17.64
N ALA A 80 10.87 3.56 16.91
CA ALA A 80 10.20 4.77 17.40
C ALA A 80 8.70 4.53 17.53
N VAL A 81 8.10 3.94 16.50
CA VAL A 81 6.67 3.63 16.53
C VAL A 81 6.35 2.60 17.61
N ALA A 82 7.24 1.62 17.79
CA ALA A 82 7.03 0.60 18.82
C ALA A 82 7.02 1.22 20.22
N GLN A 83 7.78 2.30 20.42
CA GLN A 83 7.79 2.96 21.73
C GLN A 83 6.41 3.44 22.14
N TYR A 84 5.60 3.86 21.17
CA TYR A 84 4.23 4.28 21.40
C TYR A 84 3.23 3.12 21.38
N GLY A 85 3.73 1.94 21.00
CA GLY A 85 2.88 0.76 20.90
C GLY A 85 2.01 0.74 19.66
N TYR A 86 2.45 1.41 18.60
CA TYR A 86 1.61 1.56 17.41
C TYR A 86 2.02 0.69 16.21
N LEU A 87 2.92 -0.28 16.39
CA LEU A 87 3.09 -1.29 15.34
C LEU A 87 1.81 -2.09 15.21
N GLY A 88 1.58 -2.64 14.04
CA GLY A 88 0.38 -3.45 13.85
C GLY A 88 0.32 -3.97 12.42
N PRO A 89 -0.80 -4.60 12.08
CA PRO A 89 -1.01 -5.13 10.74
C PRO A 89 -0.77 -4.02 9.70
N GLN A 90 0.00 -4.36 8.66
CA GLN A 90 0.37 -3.42 7.60
C GLN A 90 1.11 -2.21 8.18
N GLY A 91 1.85 -2.45 9.25
CA GLY A 91 2.62 -1.39 9.87
C GLY A 91 3.63 -1.97 10.82
N GLU A 92 4.40 -2.95 10.35
CA GLU A 92 5.36 -3.65 11.18
C GLU A 92 6.79 -3.25 10.90
N TYR A 93 7.06 -2.70 9.71
CA TYR A 93 8.36 -2.17 9.36
C TYR A 93 8.13 -0.75 8.83
N ILE A 94 8.46 0.24 9.66
CA ILE A 94 8.11 1.63 9.38
C ILE A 94 9.33 2.44 8.99
N VAL A 95 9.20 3.21 7.92
CA VAL A 95 10.18 4.22 7.59
C VAL A 95 9.52 5.58 7.50
N ALA A 96 10.03 6.54 8.26
CA ALA A 96 9.55 7.91 8.16
C ALA A 96 10.45 8.69 7.22
N VAL A 97 9.83 9.50 6.36
CA VAL A 97 10.60 10.26 5.38
C VAL A 97 10.40 11.75 5.63
N GLU A 98 11.53 12.46 5.68
CA GLU A 98 11.60 13.81 6.19
C GLU A 98 11.49 14.85 5.09
N ASP A 99 10.45 15.69 5.15
CA ASP A 99 10.39 16.87 4.30
C ASP A 99 11.45 17.87 4.76
N THR A 100 11.96 18.65 3.82
CA THR A 100 12.93 19.71 4.12
C THR A 100 12.55 20.94 3.29
N PRO A 101 13.22 22.08 3.52
CA PRO A 101 12.92 23.24 2.69
C PRO A 101 13.01 22.99 1.17
N THR A 102 13.78 21.99 0.76
CA THR A 102 13.94 21.70 -0.67
C THR A 102 13.39 20.33 -1.11
N LEU A 103 12.65 19.67 -0.23
CA LEU A 103 12.17 18.33 -0.52
C LEU A 103 10.77 18.10 0.01
N LYS A 104 9.87 17.67 -0.87
CA LYS A 104 8.52 17.25 -0.44
C LYS A 104 8.32 15.78 -0.79
N ASN A 105 8.00 14.97 0.21
CA ASN A 105 7.75 13.55 0.03
C ASN A 105 6.26 13.26 -0.06
N VAL A 106 5.91 12.26 -0.88
CA VAL A 106 4.52 11.84 -1.08
C VAL A 106 4.49 10.31 -1.20
N ILE A 107 3.47 9.67 -0.61
CA ILE A 107 3.38 8.22 -0.62
C ILE A 107 2.22 7.74 -1.48
N VAL A 108 2.43 6.62 -2.16
CA VAL A 108 1.37 5.95 -2.93
C VAL A 108 1.60 4.44 -2.89
N CYS A 109 0.58 3.66 -3.22
CA CYS A 109 0.78 2.27 -3.63
C CYS A 109 0.21 2.11 -5.03
N SER A 110 1.07 2.21 -6.05
CA SER A 110 0.55 2.22 -7.40
C SER A 110 -0.08 0.87 -7.78
N LEU A 111 0.37 -0.20 -7.14
CA LEU A 111 -0.06 -1.56 -7.50
C LEU A 111 -1.35 -1.99 -6.81
N CSD A 112 -1.82 -1.24 -5.62
CA CSD A 112 -3.02 -1.66 -4.92
CB CSD A 112 -2.83 -3.02 -4.25
SG CSD A 112 -1.35 -3.28 -3.32
C CSD A 112 -3.37 -0.57 -3.93
O CSD A 112 -4.11 0.35 -4.24
OD1 CSD A 112 -1.61 -4.61 -2.63
OD2 CSD A 112 -0.22 -3.36 -4.31
N SER A 113 -2.83 -0.62 -2.58
CA SER A 113 -3.37 0.41 -1.64
C SER A 113 -2.48 0.50 -0.40
N CSO A 114 -1.31 -0.22 -0.52
CA CSO A 114 -0.45 -0.40 0.65
CB CSO A 114 0.87 -1.03 0.20
SG CSO A 114 0.46 -2.47 -0.78
C CSO A 114 -0.20 0.94 1.34
O CSO A 114 0.14 1.97 0.75
OD CSO A 114 -0.01 -3.49 0.27
N THR A 115 -0.46 0.88 2.71
CA THR A 115 -0.59 2.03 3.64
C THR A 115 -0.18 1.56 5.03
N ALA A 116 0.48 2.44 5.78
CA ALA A 116 0.80 2.17 7.19
C ALA A 116 -0.48 2.27 8.03
N TRP A 117 -1.32 1.24 7.94
CA TRP A 117 -2.64 1.28 8.59
C TRP A 117 -2.68 1.77 10.05
N PRO A 118 -1.81 1.22 10.92
CA PRO A 118 -2.03 1.54 12.34
C PRO A 118 -1.81 3.00 12.69
N ILE A 119 -0.96 3.69 11.92
CA ILE A 119 -0.60 5.07 12.24
C ILE A 119 -1.16 6.11 11.27
N LEU A 120 -1.63 5.67 10.10
CA LEU A 120 -2.31 6.56 9.14
C LEU A 120 -3.81 6.32 9.05
N GLY A 121 -4.27 5.19 9.57
CA GLY A 121 -5.63 4.72 9.31
C GLY A 121 -5.72 4.01 7.98
N LEU A 122 -6.81 3.25 7.77
CA LEU A 122 -6.99 2.60 6.48
C LEU A 122 -7.02 3.66 5.37
N PRO A 123 -6.52 3.31 4.17
CA PRO A 123 -6.45 4.30 3.10
C PRO A 123 -7.84 4.78 2.70
N PRO A 124 -7.94 6.06 2.35
CA PRO A 124 -9.19 6.62 1.86
C PRO A 124 -9.43 6.24 0.39
N THR A 125 -10.69 6.32 -0.03
CA THR A 125 -11.07 5.98 -1.39
C THR A 125 -10.16 6.67 -2.41
N TRP A 126 -9.87 7.95 -2.20
CA TRP A 126 -9.09 8.67 -3.20
C TRP A 126 -7.69 8.10 -3.39
N TYR A 127 -7.10 7.59 -2.31
CA TYR A 127 -5.72 7.12 -2.34
C TYR A 127 -5.67 5.81 -3.11
N LYS A 128 -6.77 5.06 -3.02
CA LYS A 128 -6.92 3.79 -3.72
C LYS A 128 -7.43 3.96 -5.14
N SER A 129 -7.73 5.19 -5.54
CA SER A 129 -8.32 5.42 -6.85
C SER A 129 -7.31 5.16 -7.97
N PHE A 130 -7.82 4.74 -9.13
CA PHE A 130 -6.93 4.57 -10.26
C PHE A 130 -6.27 5.90 -10.62
N GLU A 131 -6.99 7.01 -10.44
CA GLU A 131 -6.43 8.31 -10.75
C GLU A 131 -5.13 8.58 -9.97
N TYR A 132 -5.17 8.36 -8.67
CA TYR A 132 -4.00 8.65 -7.83
C TYR A 132 -2.88 7.64 -8.13
N ARG A 133 -3.24 6.35 -8.20
CA ARG A 133 -2.32 5.26 -8.48
C ARG A 133 -1.57 5.43 -9.81
N ALA A 134 -2.27 5.92 -10.83
CA ALA A 134 -1.64 6.13 -12.13
C ALA A 134 -0.82 7.41 -12.18
N ARG A 135 -1.37 8.49 -11.62
CA ARG A 135 -0.85 9.82 -11.89
C ARG A 135 0.23 10.31 -10.95
N VAL A 136 0.13 10.02 -9.66
CA VAL A 136 1.05 10.69 -8.74
C VAL A 136 2.52 10.30 -8.96
N VAL A 137 2.77 9.09 -9.46
CA VAL A 137 4.14 8.66 -9.74
C VAL A 137 4.79 9.47 -10.86
N ARG A 138 3.97 9.89 -11.83
CA ARG A 138 4.48 10.55 -13.03
C ARG A 138 4.32 12.06 -13.03
N GLU A 139 3.23 12.55 -12.43
CA GLU A 139 2.98 13.99 -12.37
C GLU A 139 2.53 14.42 -10.99
N PRO A 140 3.39 14.19 -9.97
CA PRO A 140 3.00 14.55 -8.61
C PRO A 140 2.76 16.04 -8.41
N ARG A 141 3.48 16.90 -9.13
CA ARG A 141 3.28 18.33 -8.93
C ARG A 141 1.87 18.75 -9.38
N LYS A 142 1.45 18.26 -10.53
CA LYS A 142 0.12 18.56 -11.03
C LYS A 142 -0.97 17.95 -10.14
N VAL A 143 -0.76 16.70 -9.72
CA VAL A 143 -1.73 16.06 -8.83
C VAL A 143 -1.89 16.85 -7.53
N LEU A 144 -0.78 17.16 -6.86
CA LEU A 144 -0.88 17.92 -5.61
C LEU A 144 -1.53 19.29 -5.85
N SER A 145 -1.17 19.94 -6.95
CA SER A 145 -1.75 21.24 -7.28
C SER A 145 -3.27 21.16 -7.38
N GLU A 146 -3.74 20.15 -8.11
CA GLU A 146 -5.17 19.92 -8.29
C GLU A 146 -5.88 19.63 -6.97
N MET A 147 -5.16 18.99 -6.06
CA MET A 147 -5.69 18.64 -4.74
C MET A 147 -5.65 19.83 -3.77
N GLY A 148 -4.96 20.90 -4.17
CA GLY A 148 -4.94 22.13 -3.37
C GLY A 148 -3.61 22.43 -2.69
N THR A 149 -2.56 21.70 -3.08
CA THR A 149 -1.24 21.92 -2.50
C THR A 149 -0.26 22.36 -3.58
N GLU A 150 0.19 23.61 -3.49
CA GLU A 150 1.13 24.13 -4.46
C GLU A 150 2.58 23.87 -4.04
N ILE A 151 3.31 23.12 -4.85
CA ILE A 151 4.73 22.88 -4.60
C ILE A 151 5.57 23.60 -5.65
N ALA A 152 6.31 24.61 -5.22
CA ALA A 152 7.15 25.41 -6.11
C ALA A 152 8.20 24.57 -6.85
N SER A 153 8.65 25.10 -7.99
CA SER A 153 9.65 24.42 -8.81
C SER A 153 11.00 24.27 -8.11
N ASP A 154 11.28 25.13 -7.13
CA ASP A 154 12.54 25.07 -6.40
C ASP A 154 12.54 23.97 -5.33
N ILE A 155 11.54 23.09 -5.40
CA ILE A 155 11.40 22.01 -4.44
C ILE A 155 11.35 20.65 -5.15
N GLU A 156 12.22 19.73 -4.74
CA GLU A 156 12.20 18.39 -5.30
C GLU A 156 11.01 17.63 -4.72
N ILE A 157 10.23 17.00 -5.60
CA ILE A 157 9.18 16.10 -5.13
C ILE A 157 9.69 14.68 -5.26
N ARG A 158 9.52 13.91 -4.20
CA ARG A 158 9.94 12.52 -4.18
C ARG A 158 8.73 11.66 -3.82
N VAL A 159 8.39 10.74 -4.73
CA VAL A 159 7.25 9.84 -4.52
C VAL A 159 7.75 8.48 -4.08
N TYR A 160 7.25 7.99 -2.95
CA TYR A 160 7.57 6.66 -2.46
C TYR A 160 6.43 5.72 -2.87
N ASP A 161 6.75 4.76 -3.74
CA ASP A 161 5.78 3.76 -4.17
C ASP A 161 5.93 2.56 -3.24
N THR A 162 4.84 2.25 -2.53
CA THR A 162 4.87 1.23 -1.50
C THR A 162 4.68 -0.15 -2.12
N THR A 163 5.79 -0.70 -2.60
CA THR A 163 5.77 -1.91 -3.41
C THR A 163 6.15 -3.18 -2.66
N ALA A 164 6.62 -3.05 -1.43
CA ALA A 164 6.99 -4.24 -0.64
C ALA A 164 6.46 -4.17 0.77
N GLU A 165 7.30 -4.43 1.78
CA GLU A 165 6.81 -4.44 3.16
C GLU A 165 7.09 -3.17 3.96
N THR A 166 7.97 -2.28 3.47
CA THR A 166 8.15 -1.00 4.15
C THR A 166 6.81 -0.27 4.11
N ARG A 167 6.42 0.30 5.24
CA ARG A 167 5.24 1.13 5.33
C ARG A 167 5.69 2.51 5.76
N TYR A 168 5.25 3.52 5.04
CA TYR A 168 5.82 4.85 5.18
C TYR A 168 4.92 5.86 5.90
N MET A 169 5.54 6.85 6.52
CA MET A 169 4.83 8.07 6.92
C MET A 169 5.72 9.24 6.56
N VAL A 170 5.10 10.35 6.18
CA VAL A 170 5.83 11.59 5.95
C VAL A 170 5.94 12.37 7.27
N LEU A 171 7.16 12.84 7.57
CA LEU A 171 7.37 13.82 8.62
C LEU A 171 7.41 15.19 7.95
N PRO A 172 6.29 15.92 8.00
CA PRO A 172 6.25 17.20 7.28
C PRO A 172 7.07 18.27 8.00
N GLN A 173 7.36 19.37 7.31
CA GLN A 173 8.00 20.49 7.96
C GLN A 173 7.03 21.11 8.94
N ARG A 174 7.56 21.64 10.03
CA ARG A 174 6.77 22.32 11.01
C ARG A 174 6.55 23.76 10.57
N PRO A 175 5.28 24.18 10.46
CA PRO A 175 5.03 25.53 9.95
C PRO A 175 5.43 26.62 10.94
N ALA A 176 5.91 27.73 10.41
CA ALA A 176 6.15 28.93 11.20
C ALA A 176 4.84 29.35 11.86
N GLY A 177 4.92 29.93 13.04
CA GLY A 177 3.73 30.37 13.74
C GLY A 177 3.27 29.35 14.78
N THR A 178 3.97 28.24 14.88
CA THR A 178 3.65 27.20 15.86
C THR A 178 4.69 27.11 16.98
N GLU A 179 5.58 28.10 17.06
CA GLU A 179 6.66 28.04 18.04
C GLU A 179 6.11 28.01 19.45
N GLY A 180 6.58 27.06 20.24
CA GLY A 180 6.13 26.94 21.62
C GLY A 180 4.85 26.15 21.84
N TRP A 181 4.18 25.75 20.77
CA TRP A 181 2.93 25.01 20.92
C TRP A 181 3.15 23.70 21.67
N SER A 182 2.12 23.25 22.38
CA SER A 182 2.18 21.98 23.07
C SER A 182 2.08 20.85 22.04
N GLN A 183 2.42 19.63 22.46
CA GLN A 183 2.28 18.49 21.54
C GLN A 183 0.83 18.33 21.12
N GLU A 184 -0.11 18.56 22.04
CA GLU A 184 -1.53 18.45 21.74
C GLU A 184 -1.94 19.43 20.67
N GLN A 185 -1.46 20.67 20.79
CA GLN A 185 -1.78 21.70 19.82
C GLN A 185 -1.19 21.38 18.46
N LEU A 186 0.02 20.86 18.45
CA LEU A 186 0.67 20.49 17.19
C LEU A 186 -0.03 19.31 16.54
N GLN A 187 -0.45 18.33 17.35
CA GLN A 187 -1.11 17.15 16.78
C GLN A 187 -2.31 17.55 15.95
N GLU A 188 -3.00 18.60 16.36
CA GLU A 188 -4.25 18.98 15.71
C GLU A 188 -4.05 19.41 14.26
N ILE A 189 -2.87 19.91 13.94
CA ILE A 189 -2.65 20.39 12.57
C ILE A 189 -2.01 19.35 11.65
N VAL A 190 -1.63 18.21 12.22
CA VAL A 190 -1.08 17.11 11.42
C VAL A 190 -2.23 16.17 11.03
N THR A 191 -2.67 16.30 9.79
CA THR A 191 -3.81 15.54 9.30
C THR A 191 -3.38 14.27 8.57
N LYS A 192 -4.35 13.42 8.29
CA LYS A 192 -4.12 12.21 7.52
C LYS A 192 -3.37 12.56 6.22
N ASP A 193 -3.83 13.61 5.55
CA ASP A 193 -3.22 14.02 4.29
C ASP A 193 -1.79 14.52 4.42
N CYS A 194 -1.47 15.07 5.59
CA CYS A 194 -0.08 15.46 5.87
C CYS A 194 0.81 14.23 6.00
N LEU A 195 0.26 13.18 6.62
CA LEU A 195 1.01 11.94 6.80
C LEU A 195 1.25 11.18 5.50
N ILE A 196 0.28 11.24 4.59
CA ILE A 196 0.43 10.65 3.27
C ILE A 196 1.36 11.49 2.40
N GLY A 197 1.33 12.80 2.62
CA GLY A 197 2.25 13.72 1.94
C GLY A 197 1.60 14.65 0.92
N VAL A 198 0.29 14.55 0.75
CA VAL A 198 -0.38 15.39 -0.24
C VAL A 198 -0.74 16.76 0.31
N ALA A 199 -0.67 16.93 1.63
CA ALA A 199 -0.96 18.22 2.27
C ALA A 199 0.22 18.67 3.12
N ILE A 200 0.33 19.98 3.30
CA ILE A 200 1.31 20.60 4.18
C ILE A 200 0.54 21.11 5.41
N PRO A 201 1.07 20.87 6.63
CA PRO A 201 0.36 21.35 7.82
C PRO A 201 0.15 22.86 7.80
N GLN A 202 -1.06 23.28 8.19
CA GLN A 202 -1.49 24.68 8.16
C GLN A 202 -1.70 25.19 9.57
N VAL A 203 -1.32 26.45 9.82
CA VAL A 203 -1.68 27.08 11.08
C VAL A 203 -3.12 27.57 10.98
N PRO A 204 -4.00 27.08 11.88
CA PRO A 204 -5.42 27.44 11.81
C PRO A 204 -5.63 28.94 11.93
N MET B 1 3.28 -9.80 -13.28
CA MET B 1 2.16 -9.93 -14.26
C MET B 1 1.89 -8.55 -14.81
N ASP B 2 1.99 -8.40 -16.14
CA ASP B 2 1.76 -7.11 -16.80
C ASP B 2 0.28 -6.82 -16.95
N GLY B 3 -0.44 -6.85 -15.83
CA GLY B 3 -1.88 -6.63 -15.87
C GLY B 3 -2.29 -5.17 -15.76
N VAL B 4 -3.60 -4.95 -15.89
CA VAL B 4 -4.11 -3.59 -15.83
C VAL B 4 -3.94 -2.96 -14.44
N HIS B 5 -3.71 -3.77 -13.41
CA HIS B 5 -3.45 -3.23 -12.08
C HIS B 5 -2.14 -2.44 -12.00
N ASP B 6 -1.23 -2.65 -12.96
CA ASP B 6 0.07 -1.95 -12.93
C ASP B 6 -0.15 -0.59 -13.59
N LEU B 7 -0.70 0.32 -12.79
CA LEU B 7 -1.24 1.59 -13.27
C LEU B 7 -0.27 2.76 -13.31
N ALA B 8 0.82 2.68 -12.54
CA ALA B 8 1.73 3.83 -12.43
C ALA B 8 2.16 4.25 -13.83
N GLY B 9 1.97 5.52 -14.13
CA GLY B 9 2.41 6.07 -15.42
C GLY B 9 1.38 6.04 -16.53
N VAL B 10 0.29 5.31 -16.33
CA VAL B 10 -0.78 5.29 -17.32
C VAL B 10 -1.36 6.69 -17.46
N GLN B 11 -1.59 7.09 -18.71
CA GLN B 11 -2.09 8.44 -19.01
C GLN B 11 -3.54 8.41 -19.45
N GLY B 12 -4.25 9.51 -19.19
CA GLY B 12 -5.66 9.63 -19.58
C GLY B 12 -6.66 9.71 -18.44
N PHE B 13 -6.22 9.41 -17.22
CA PHE B 13 -7.09 9.59 -16.08
C PHE B 13 -7.32 11.05 -15.74
N GLY B 14 -8.50 11.32 -15.16
CA GLY B 14 -8.85 12.66 -14.72
C GLY B 14 -8.37 12.97 -13.32
N LYS B 15 -9.05 13.92 -12.69
CA LYS B 15 -8.68 14.41 -11.36
C LYS B 15 -8.84 13.35 -10.28
N VAL B 16 -7.92 13.34 -9.35
CA VAL B 16 -8.06 12.54 -8.14
C VAL B 16 -9.29 13.06 -7.39
N PRO B 17 -10.19 12.17 -6.97
CA PRO B 17 -11.43 12.65 -6.32
C PRO B 17 -11.25 13.06 -4.85
N HIS B 18 -10.46 14.12 -4.64
CA HIS B 18 -10.18 14.62 -3.30
C HIS B 18 -9.52 15.98 -3.39
N THR B 19 -9.86 16.86 -2.45
CA THR B 19 -9.03 18.03 -2.21
C THR B 19 -8.54 17.93 -0.78
N VAL B 20 -7.38 18.50 -0.51
CA VAL B 20 -6.71 18.23 0.76
C VAL B 20 -7.57 18.54 1.98
N ASN B 21 -7.56 17.60 2.91
CA ASN B 21 -8.24 17.72 4.19
C ASN B 21 -9.77 17.70 4.08
N ALA B 22 -10.27 17.36 2.90
CA ALA B 22 -11.70 17.21 2.74
C ALA B 22 -12.18 15.99 3.52
N ASP B 23 -13.43 16.03 3.94
CA ASP B 23 -14.06 14.92 4.64
C ASP B 23 -14.02 13.67 3.77
N ILE B 24 -13.51 12.58 4.32
CA ILE B 24 -13.47 11.32 3.56
C ILE B 24 -14.60 10.37 4.02
N GLY B 25 -15.39 10.83 4.98
CA GLY B 25 -16.51 10.05 5.49
C GLY B 25 -16.02 9.00 6.49
N PRO B 26 -16.90 8.05 6.82
CA PRO B 26 -16.51 7.01 7.77
C PRO B 26 -15.52 6.04 7.13
N THR B 27 -14.86 5.24 7.95
CA THR B 27 -13.91 4.25 7.45
C THR B 27 -14.60 3.31 6.48
N PHE B 28 -15.79 2.84 6.86
CA PHE B 28 -16.57 1.96 6.02
C PHE B 28 -17.86 2.65 5.61
N HIS B 29 -18.14 2.67 4.31
CA HIS B 29 -19.30 3.38 3.76
C HIS B 29 -20.52 2.46 3.59
N ALA B 30 -20.31 1.18 3.85
CA ALA B 30 -21.40 0.20 3.83
C ALA B 30 -21.13 -0.86 4.89
N GLU B 31 -22.18 -1.54 5.32
CA GLU B 31 -22.08 -2.45 6.45
C GLU B 31 -21.30 -3.74 6.18
N TRP B 32 -20.99 -3.99 4.91
CA TRP B 32 -20.23 -5.19 4.55
C TRP B 32 -18.73 -4.91 4.36
N GLU B 33 -18.34 -3.63 4.33
CA GLU B 33 -17.01 -3.28 3.82
C GLU B 33 -15.82 -3.74 4.67
N HIS B 34 -16.06 -4.04 5.94
CA HIS B 34 -15.01 -4.59 6.80
C HIS B 34 -14.77 -6.09 6.55
N LEU B 35 -15.67 -6.72 5.79
CA LEU B 35 -15.58 -8.16 5.60
C LEU B 35 -14.38 -8.65 4.79
N PRO B 36 -14.09 -8.01 3.65
CA PRO B 36 -12.95 -8.53 2.89
C PRO B 36 -11.64 -8.59 3.67
N TYR B 37 -11.28 -7.51 4.36
CA TYR B 37 -10.03 -7.54 5.14
C TYR B 37 -10.12 -8.54 6.30
N SER B 38 -11.25 -8.55 7.01
CA SER B 38 -11.36 -9.42 8.18
C SER B 38 -11.29 -10.89 7.75
N LEU B 39 -11.95 -11.22 6.63
CA LEU B 39 -11.91 -12.59 6.14
C LEU B 39 -10.57 -12.94 5.47
N MET B 40 -9.90 -11.94 4.90
CA MET B 40 -8.52 -12.15 4.47
C MET B 40 -7.67 -12.63 5.66
N PHE B 41 -7.78 -11.92 6.79
CA PHE B 41 -7.01 -12.30 7.96
C PHE B 41 -7.42 -13.64 8.55
N ALA B 42 -8.72 -13.96 8.49
CA ALA B 42 -9.14 -15.30 8.90
C ALA B 42 -8.40 -16.34 8.03
N GLY B 43 -8.37 -16.12 6.73
CA GLY B 43 -7.69 -17.04 5.83
C GLY B 43 -6.19 -17.13 6.08
N VAL B 44 -5.55 -15.98 6.31
CA VAL B 44 -4.11 -15.96 6.50
C VAL B 44 -3.71 -16.44 7.89
N ALA B 45 -4.26 -15.79 8.91
CA ALA B 45 -3.78 -15.95 10.29
C ALA B 45 -4.46 -17.08 11.05
N GLU B 46 -5.73 -17.33 10.77
CA GLU B 46 -6.47 -18.37 11.48
C GLU B 46 -6.39 -19.72 10.78
N LEU B 47 -6.60 -19.74 9.46
CA LEU B 47 -6.62 -20.98 8.71
C LEU B 47 -5.28 -21.36 8.11
N GLY B 48 -4.43 -20.36 7.87
CA GLY B 48 -3.18 -20.61 7.14
C GLY B 48 -3.39 -21.11 5.73
N ALA B 49 -4.48 -20.68 5.09
CA ALA B 49 -4.88 -21.18 3.78
C ALA B 49 -4.14 -20.47 2.63
N PHE B 50 -3.73 -19.23 2.89
CA PHE B 50 -3.02 -18.44 1.88
C PHE B 50 -2.25 -17.31 2.54
N SER B 51 -1.35 -16.69 1.78
CA SER B 51 -0.58 -15.55 2.24
C SER B 51 -1.26 -14.25 1.78
N VAL B 52 -0.83 -13.13 2.35
CA VAL B 52 -1.33 -11.84 1.87
C VAL B 52 -0.91 -11.66 0.40
N ASP B 53 0.27 -12.15 0.04
CA ASP B 53 0.75 -12.03 -1.34
C ASP B 53 -0.22 -12.72 -2.30
N GLU B 54 -0.76 -13.87 -1.89
CA GLU B 54 -1.76 -14.56 -2.71
C GLU B 54 -3.03 -13.74 -2.90
N VAL B 55 -3.38 -12.94 -1.90
CA VAL B 55 -4.51 -12.03 -2.02
C VAL B 55 -4.20 -10.95 -3.06
N ARG B 56 -3.02 -10.36 -3.00
CA ARG B 56 -2.68 -9.38 -4.02
C ARG B 56 -2.77 -9.99 -5.41
N TYR B 57 -2.20 -11.18 -5.56
CA TYR B 57 -2.17 -11.81 -6.88
C TYR B 57 -3.56 -12.19 -7.37
N VAL B 58 -4.41 -12.71 -6.51
CA VAL B 58 -5.74 -13.11 -6.98
C VAL B 58 -6.56 -11.90 -7.44
N VAL B 59 -6.35 -10.75 -6.80
CA VAL B 59 -6.96 -9.50 -7.27
C VAL B 59 -6.39 -9.07 -8.63
N GLU B 60 -5.08 -9.21 -8.81
CA GLU B 60 -4.43 -8.95 -10.12
C GLU B 60 -5.03 -9.83 -11.20
N ARG B 61 -5.53 -11.00 -10.81
CA ARG B 61 -6.05 -12.00 -11.74
C ARG B 61 -7.53 -11.79 -12.10
N MET B 62 -8.17 -10.76 -11.54
CA MET B 62 -9.49 -10.42 -12.03
C MET B 62 -9.43 -10.21 -13.54
N GLU B 63 -10.45 -10.66 -14.26
CA GLU B 63 -10.54 -10.35 -15.69
C GLU B 63 -10.39 -8.81 -15.83
N PRO B 64 -9.59 -8.35 -16.80
CA PRO B 64 -9.22 -6.93 -16.82
C PRO B 64 -10.39 -5.93 -16.81
N ARG B 65 -11.41 -6.17 -17.63
CA ARG B 65 -12.57 -5.27 -17.60
C ARG B 65 -13.27 -5.33 -16.24
N HIS B 66 -13.36 -6.54 -15.67
CA HIS B 66 -13.92 -6.72 -14.34
C HIS B 66 -13.15 -5.89 -13.29
N TYR B 67 -11.82 -5.97 -13.32
CA TYR B 67 -10.98 -5.18 -12.43
C TYR B 67 -11.29 -3.69 -12.56
N MET B 68 -11.36 -3.22 -13.80
CA MET B 68 -11.49 -1.77 -14.03
C MET B 68 -12.85 -1.22 -13.62
N MET B 69 -13.87 -2.07 -13.57
CA MET B 69 -15.22 -1.59 -13.22
C MET B 69 -15.62 -1.84 -11.76
N THR B 70 -14.75 -2.50 -11.00
CA THR B 70 -15.08 -2.92 -9.64
C THR B 70 -14.45 -2.01 -8.56
N PRO B 71 -15.27 -1.44 -7.67
CA PRO B 71 -14.73 -0.64 -6.56
C PRO B 71 -13.79 -1.43 -5.66
N TYR B 72 -12.90 -0.72 -4.99
CA TYR B 72 -11.84 -1.32 -4.19
C TYR B 72 -12.25 -2.50 -3.29
N TYR B 73 -13.14 -2.26 -2.33
CA TYR B 73 -13.42 -3.32 -1.35
C TYR B 73 -14.08 -4.54 -2.02
N GLU B 74 -14.84 -4.29 -3.09
CA GLU B 74 -15.46 -5.40 -3.79
C GLU B 74 -14.40 -6.29 -4.46
N ARG B 75 -13.30 -5.70 -4.92
CA ARG B 75 -12.26 -6.53 -5.52
C ARG B 75 -11.73 -7.56 -4.51
N TYR B 76 -11.67 -7.18 -3.24
CA TYR B 76 -11.15 -8.07 -2.20
C TYR B 76 -12.17 -9.10 -1.75
N VAL B 77 -13.46 -8.77 -1.81
CA VAL B 77 -14.50 -9.80 -1.66
C VAL B 77 -14.35 -10.88 -2.74
N ILE B 78 -14.23 -10.44 -4.00
CA ILE B 78 -14.02 -11.36 -5.11
C ILE B 78 -12.71 -12.15 -4.95
N GLY B 79 -11.64 -11.46 -4.59
CA GLY B 79 -10.34 -12.13 -4.45
C GLY B 79 -10.31 -13.16 -3.35
N VAL B 80 -10.79 -12.80 -2.15
CA VAL B 80 -10.81 -13.74 -1.04
C VAL B 80 -11.72 -14.94 -1.38
N ALA B 81 -12.88 -14.67 -1.96
CA ALA B 81 -13.79 -15.76 -2.35
C ALA B 81 -13.09 -16.70 -3.34
N THR B 82 -12.39 -16.12 -4.31
CA THR B 82 -11.69 -16.93 -5.30
C THR B 82 -10.67 -17.85 -4.63
N LEU B 83 -9.86 -17.31 -3.72
CA LEU B 83 -8.87 -18.13 -3.04
C LEU B 83 -9.52 -19.26 -2.26
N MET B 84 -10.62 -18.95 -1.58
CA MET B 84 -11.33 -19.99 -0.82
C MET B 84 -11.80 -21.12 -1.74
N VAL B 85 -12.24 -20.79 -2.95
CA VAL B 85 -12.64 -21.81 -3.89
C VAL B 85 -11.42 -22.56 -4.45
N GLU B 86 -10.37 -21.84 -4.82
CA GLU B 86 -9.16 -22.47 -5.36
C GLU B 86 -8.48 -23.41 -4.37
N LYS B 87 -8.56 -23.07 -3.09
CA LYS B 87 -7.95 -23.89 -2.03
C LYS B 87 -8.86 -25.04 -1.57
N GLY B 88 -10.06 -25.13 -2.14
CA GLY B 88 -10.97 -26.24 -1.85
C GLY B 88 -11.71 -26.09 -0.54
N ILE B 89 -11.76 -24.88 -0.02
CA ILE B 89 -12.46 -24.59 1.24
C ILE B 89 -13.94 -24.32 1.01
N LEU B 90 -14.24 -23.57 -0.05
CA LEU B 90 -15.60 -23.28 -0.45
C LEU B 90 -15.80 -23.70 -1.90
N THR B 91 -17.06 -23.79 -2.32
CA THR B 91 -17.39 -23.98 -3.72
C THR B 91 -18.06 -22.73 -4.28
N GLN B 92 -17.94 -22.53 -5.58
CA GLN B 92 -18.62 -21.40 -6.19
C GLN B 92 -20.14 -21.59 -6.10
N ASP B 93 -20.60 -22.84 -6.21
CA ASP B 93 -22.03 -23.14 -6.06
C ASP B 93 -22.61 -22.61 -4.75
N GLU B 94 -21.93 -22.88 -3.64
CA GLU B 94 -22.49 -22.46 -2.36
C GLU B 94 -22.44 -20.95 -2.21
N LEU B 95 -21.39 -20.31 -2.74
CA LEU B 95 -21.32 -18.85 -2.72
C LEU B 95 -22.48 -18.22 -3.49
N GLU B 96 -22.75 -18.75 -4.68
CA GLU B 96 -23.85 -18.25 -5.50
C GLU B 96 -25.21 -18.55 -4.90
N SER B 97 -25.33 -19.71 -4.26
CA SER B 97 -26.57 -20.05 -3.57
C SER B 97 -26.87 -19.07 -2.44
N LEU B 98 -25.84 -18.77 -1.64
CA LEU B 98 -26.03 -17.86 -0.53
C LEU B 98 -26.18 -16.42 -0.99
N ALA B 99 -25.51 -16.06 -2.08
CA ALA B 99 -25.62 -14.69 -2.61
C ALA B 99 -26.93 -14.47 -3.34
N GLY B 100 -27.57 -15.54 -3.78
CA GLY B 100 -28.81 -15.44 -4.55
C GLY B 100 -28.62 -14.98 -5.98
N GLY B 101 -27.44 -15.25 -6.54
CA GLY B 101 -27.17 -14.87 -7.92
C GLY B 101 -25.69 -15.03 -8.24
N PRO B 102 -25.28 -14.52 -9.41
CA PRO B 102 -23.92 -14.71 -9.91
C PRO B 102 -22.84 -14.11 -9.03
N PHE B 103 -21.77 -14.88 -8.88
CA PHE B 103 -20.61 -14.46 -8.09
C PHE B 103 -19.38 -14.87 -8.91
N PRO B 104 -19.13 -14.18 -10.05
CA PRO B 104 -17.95 -14.46 -10.85
C PRO B 104 -16.67 -14.18 -10.07
N LEU B 105 -15.65 -14.99 -10.34
CA LEU B 105 -14.41 -14.99 -9.56
C LEU B 105 -13.26 -14.52 -10.43
N SER B 106 -12.09 -14.35 -9.84
CA SER B 106 -10.89 -14.06 -10.63
C SER B 106 -10.56 -15.22 -11.57
N ARG B 107 -9.81 -14.92 -12.62
CA ARG B 107 -9.42 -15.96 -13.56
C ARG B 107 -8.32 -16.83 -12.98
N PRO B 108 -8.24 -18.09 -13.42
CA PRO B 108 -7.16 -18.97 -12.97
C PRO B 108 -5.79 -18.40 -13.31
N SER B 109 -4.79 -18.72 -12.51
CA SER B 109 -3.42 -18.29 -12.77
C SER B 109 -2.87 -18.93 -14.05
N GLU B 110 -2.11 -18.16 -14.80
CA GLU B 110 -1.47 -18.71 -15.98
C GLU B 110 0.01 -18.95 -15.77
N SER B 111 0.42 -18.87 -14.51
CA SER B 111 1.81 -19.12 -14.13
C SER B 111 1.87 -19.86 -12.82
N GLU B 112 2.84 -20.77 -12.70
CA GLU B 112 3.08 -21.47 -11.46
C GLU B 112 3.94 -20.66 -10.50
N GLY B 113 4.35 -19.47 -10.92
CA GLY B 113 5.21 -18.63 -10.10
C GLY B 113 6.67 -18.97 -10.35
N ARG B 114 7.56 -18.41 -9.54
CA ARG B 114 8.97 -18.78 -9.64
C ARG B 114 9.61 -18.73 -8.26
N PRO B 115 10.69 -19.49 -8.07
CA PRO B 115 11.34 -19.50 -6.76
C PRO B 115 12.13 -18.24 -6.52
N ALA B 116 12.45 -17.97 -5.26
CA ALA B 116 13.43 -16.95 -4.95
C ALA B 116 14.73 -17.33 -5.65
N PRO B 117 15.36 -16.36 -6.35
CA PRO B 117 16.60 -16.69 -7.05
C PRO B 117 17.71 -17.07 -6.07
N VAL B 118 18.54 -18.01 -6.46
CA VAL B 118 19.65 -18.46 -5.61
C VAL B 118 20.76 -17.43 -5.66
N GLU B 119 20.94 -16.81 -6.83
CA GLU B 119 22.02 -15.86 -7.03
C GLU B 119 21.53 -14.42 -6.98
N THR B 120 21.89 -13.72 -5.90
CA THR B 120 21.57 -12.31 -5.72
C THR B 120 22.77 -11.61 -5.09
N THR B 121 22.71 -10.28 -4.99
CA THR B 121 23.80 -9.50 -4.44
C THR B 121 23.30 -8.68 -3.27
N THR B 122 24.11 -8.59 -2.22
CA THR B 122 23.83 -7.68 -1.12
C THR B 122 24.35 -6.30 -1.50
N PHE B 123 23.45 -5.33 -1.60
CA PHE B 123 23.84 -3.98 -1.99
C PHE B 123 23.96 -3.07 -0.78
N GLU B 124 24.66 -1.95 -0.96
CA GLU B 124 24.84 -0.99 0.12
C GLU B 124 24.28 0.37 -0.28
N VAL B 125 23.94 1.17 0.72
CA VAL B 125 23.44 2.52 0.50
C VAL B 125 24.42 3.30 -0.36
N GLY B 126 23.91 3.91 -1.42
CA GLY B 126 24.73 4.74 -2.30
C GLY B 126 25.14 4.04 -3.58
N GLN B 127 25.02 2.71 -3.58
CA GLN B 127 25.34 1.91 -4.77
C GLN B 127 24.33 2.11 -5.88
N ARG B 128 24.82 2.09 -7.11
CA ARG B 128 23.98 2.18 -8.30
C ARG B 128 23.53 0.77 -8.70
N VAL B 129 22.23 0.59 -8.93
CA VAL B 129 21.69 -0.71 -9.31
C VAL B 129 20.78 -0.58 -10.51
N ARG B 130 20.61 -1.68 -11.23
CA ARG B 130 19.64 -1.77 -12.31
C ARG B 130 18.57 -2.79 -11.93
N VAL B 131 17.33 -2.50 -12.30
CA VAL B 131 16.25 -3.44 -12.12
C VAL B 131 16.34 -4.45 -13.25
N ARG B 132 16.42 -5.73 -12.89
CA ARG B 132 16.59 -6.79 -13.88
C ARG B 132 15.54 -6.66 -14.99
N ASP B 133 16.00 -6.73 -16.23
CA ASP B 133 15.14 -6.62 -17.40
C ASP B 133 14.48 -7.97 -17.66
N GLU B 134 13.51 -8.31 -16.82
CA GLU B 134 12.88 -9.62 -16.84
C GLU B 134 11.37 -9.45 -16.92
N TYR B 135 10.71 -10.45 -17.48
CA TYR B 135 9.27 -10.47 -17.63
C TYR B 135 8.73 -11.68 -16.91
N VAL B 136 7.85 -11.42 -15.94
CA VAL B 136 7.31 -12.47 -15.07
C VAL B 136 5.79 -12.50 -15.19
N PRO B 137 5.21 -13.62 -15.68
CA PRO B 137 3.77 -13.66 -15.92
C PRO B 137 2.93 -13.79 -14.64
N GLY B 138 3.52 -14.34 -13.58
CA GLY B 138 2.84 -14.46 -12.30
C GLY B 138 3.08 -13.23 -11.46
N HIS B 139 2.88 -13.37 -10.15
CA HIS B 139 2.96 -12.25 -9.25
C HIS B 139 4.38 -11.70 -9.18
N ILE B 140 4.51 -10.38 -9.19
CA ILE B 140 5.79 -9.72 -8.99
C ILE B 140 5.55 -8.33 -8.41
N ARG B 141 6.43 -7.89 -7.50
CA ARG B 141 6.26 -6.58 -6.87
C ARG B 141 7.21 -5.56 -7.49
N MET B 142 7.29 -5.63 -8.81
CA MET B 142 8.04 -4.66 -9.58
C MET B 142 7.08 -4.01 -10.57
N PRO B 143 6.78 -2.72 -10.38
CA PRO B 143 5.96 -2.03 -11.37
C PRO B 143 6.76 -1.83 -12.66
N ALA B 144 6.09 -1.96 -13.81
CA ALA B 144 6.80 -1.98 -15.09
C ALA B 144 7.61 -0.72 -15.35
N TYR B 145 7.18 0.41 -14.78
CA TYR B 145 7.88 1.67 -15.05
C TYR B 145 9.34 1.64 -14.64
N CYS B 146 9.73 0.72 -13.76
CA CYS B 146 11.13 0.67 -13.35
C CYS B 146 11.91 -0.49 -13.96
N ARG B 147 11.26 -1.34 -14.75
CA ARG B 147 11.98 -2.47 -15.35
C ARG B 147 13.14 -1.97 -16.20
N GLY B 148 14.34 -2.52 -15.94
CA GLY B 148 15.53 -2.22 -16.73
C GLY B 148 16.12 -0.85 -16.44
N ARG B 149 15.57 -0.14 -15.46
CA ARG B 149 16.01 1.22 -15.16
C ARG B 149 17.07 1.24 -14.06
N VAL B 150 17.81 2.33 -13.98
CA VAL B 150 18.94 2.46 -13.07
C VAL B 150 18.68 3.50 -11.99
N GLY B 151 18.99 3.13 -10.76
CA GLY B 151 18.78 4.02 -9.62
C GLY B 151 19.81 3.80 -8.54
N THR B 152 19.66 4.51 -7.43
CA THR B 152 20.61 4.46 -6.33
C THR B 152 19.96 3.95 -5.06
N ILE B 153 20.64 3.06 -4.35
CA ILE B 153 20.15 2.50 -3.07
C ILE B 153 20.12 3.55 -1.98
N SER B 154 18.96 3.78 -1.37
CA SER B 154 18.88 4.72 -0.25
C SER B 154 18.63 4.02 1.10
N HIS B 155 18.28 2.73 1.04
CA HIS B 155 18.02 1.93 2.25
C HIS B 155 18.07 0.44 1.91
N ARG B 156 18.69 -0.35 2.78
CA ARG B 156 18.55 -1.80 2.76
C ARG B 156 17.79 -2.19 4.03
N THR B 157 16.71 -2.94 3.89
CA THR B 157 15.91 -3.27 5.07
C THR B 157 16.69 -4.13 6.04
N THR B 158 16.39 -3.96 7.33
CA THR B 158 17.05 -4.74 8.37
C THR B 158 16.25 -6.00 8.70
N GLU B 159 15.19 -6.24 7.92
CA GLU B 159 14.43 -7.49 8.01
C GLU B 159 14.36 -8.11 6.61
N LYS B 160 13.93 -9.38 6.57
CA LYS B 160 13.83 -10.12 5.31
C LYS B 160 12.45 -10.77 5.19
N TRP B 161 11.96 -10.89 3.95
CA TRP B 161 10.64 -11.43 3.69
C TRP B 161 10.65 -12.42 2.55
N PRO B 162 9.63 -13.31 2.48
CA PRO B 162 9.53 -14.23 1.35
C PRO B 162 9.38 -13.50 -0.01
N PHE B 163 9.99 -14.06 -1.04
CA PHE B 163 9.94 -13.50 -2.41
C PHE B 163 8.51 -13.58 -2.92
N PRO B 164 7.92 -12.42 -3.26
CA PRO B 164 6.51 -12.41 -3.64
C PRO B 164 6.18 -13.31 -4.82
N ASP B 165 7.12 -13.45 -5.76
CA ASP B 165 6.88 -14.23 -6.98
C ASP B 165 6.67 -15.70 -6.69
N ALA B 166 7.12 -16.11 -5.51
CA ALA B 166 6.93 -17.47 -5.02
C ALA B 166 5.77 -17.57 -4.04
N ILE B 167 5.81 -16.78 -2.97
CA ILE B 167 4.77 -16.89 -1.94
C ILE B 167 3.39 -16.46 -2.46
N GLY B 168 3.40 -15.60 -3.47
CA GLY B 168 2.15 -15.16 -4.08
C GLY B 168 1.42 -16.23 -4.85
N HIS B 169 2.09 -17.36 -5.05
CA HIS B 169 1.51 -18.54 -5.69
C HIS B 169 1.41 -19.69 -4.70
N GLY B 170 1.72 -19.42 -3.44
CA GLY B 170 1.67 -20.46 -2.40
C GLY B 170 2.80 -21.48 -2.52
N ARG B 171 3.90 -21.09 -3.16
CA ARG B 171 5.02 -22.02 -3.34
C ARG B 171 5.83 -22.20 -2.05
N ASN B 172 6.57 -23.31 -1.98
CA ASN B 172 7.40 -23.59 -0.80
C ASN B 172 8.80 -23.03 -0.88
N ASP B 173 9.12 -22.36 -1.99
CA ASP B 173 10.51 -21.95 -2.26
C ASP B 173 10.71 -20.44 -2.33
N ALA B 174 9.99 -19.71 -1.48
CA ALA B 174 10.06 -18.26 -1.46
C ALA B 174 11.27 -17.71 -0.69
N GLY B 175 11.93 -18.55 0.08
CA GLY B 175 13.08 -18.12 0.87
C GLY B 175 12.82 -16.85 1.67
N GLU B 176 13.86 -16.01 1.78
CA GLU B 176 13.73 -14.69 2.39
C GLU B 176 14.79 -13.77 1.79
N GLU B 177 14.40 -12.53 1.55
CA GLU B 177 15.31 -11.50 1.03
C GLU B 177 15.00 -10.17 1.69
N PRO B 178 16.02 -9.30 1.82
CA PRO B 178 15.73 -7.93 2.21
C PRO B 178 15.22 -7.18 0.98
N THR B 179 14.64 -6.00 1.19
CA THR B 179 14.28 -5.16 0.06
C THR B 179 15.12 -3.89 0.13
N TYR B 180 15.13 -3.15 -0.96
CA TYR B 180 15.96 -1.96 -1.08
C TYR B 180 15.12 -0.80 -1.56
N HIS B 181 15.26 0.35 -0.92
CA HIS B 181 14.65 1.56 -1.42
C HIS B 181 15.54 2.07 -2.53
N VAL B 182 15.08 1.99 -3.75
CA VAL B 182 15.87 2.41 -4.90
C VAL B 182 15.32 3.72 -5.43
N LYS B 183 16.17 4.75 -5.41
CA LYS B 183 15.77 6.07 -5.86
C LYS B 183 16.11 6.26 -7.33
N PHE B 184 15.08 6.57 -8.12
CA PHE B 184 15.24 6.84 -9.56
C PHE B 184 14.97 8.32 -9.82
N ALA B 185 15.75 8.94 -10.69
CA ALA B 185 15.38 10.26 -11.20
C ALA B 185 14.10 10.12 -12.01
N ALA B 186 13.21 11.10 -11.89
CA ALA B 186 11.95 11.06 -12.64
C ALA B 186 12.23 10.88 -14.13
N GLU B 187 13.25 11.55 -14.64
CA GLU B 187 13.56 11.48 -16.07
C GLU B 187 14.09 10.11 -16.50
N GLU B 188 14.65 9.34 -15.56
CA GLU B 188 15.06 7.97 -15.88
C GLU B 188 13.85 7.08 -16.18
N LEU B 189 12.72 7.40 -15.54
CA LEU B 189 11.51 6.59 -15.67
C LEU B 189 10.57 7.07 -16.78
N PHE B 190 10.47 8.39 -16.96
CA PHE B 190 9.49 8.96 -17.88
C PHE B 190 10.07 9.99 -18.83
N GLY B 191 11.39 10.02 -18.96
CA GLY B 191 12.02 10.99 -19.86
C GLY B 191 11.59 12.41 -19.51
N SER B 192 11.26 13.19 -20.53
CA SER B 192 10.84 14.57 -20.33
C SER B 192 9.40 14.68 -19.89
N ASP B 193 8.66 13.57 -19.93
CA ASP B 193 7.21 13.60 -19.75
C ASP B 193 6.81 13.29 -18.30
N THR B 194 7.28 14.14 -17.41
CA THR B 194 7.04 14.03 -15.98
C THR B 194 7.29 15.38 -15.35
N ASP B 195 6.64 15.70 -14.24
CA ASP B 195 6.89 16.98 -13.56
C ASP B 195 7.51 16.78 -12.18
N GLY B 196 7.92 15.54 -11.90
CA GLY B 196 8.41 15.20 -10.58
C GLY B 196 9.91 15.34 -10.45
N GLY B 197 10.45 14.81 -9.36
CA GLY B 197 11.88 14.89 -9.08
C GLY B 197 12.48 13.52 -9.04
N SER B 198 12.06 12.72 -8.05
CA SER B 198 12.54 11.36 -7.94
C SER B 198 11.39 10.45 -7.51
N VAL B 199 11.57 9.16 -7.74
CA VAL B 199 10.63 8.14 -7.31
C VAL B 199 11.43 7.06 -6.61
N VAL B 200 10.98 6.67 -5.42
CA VAL B 200 11.64 5.61 -4.68
C VAL B 200 10.77 4.37 -4.66
N VAL B 201 11.30 3.28 -5.20
CA VAL B 201 10.57 2.00 -5.30
C VAL B 201 11.22 1.02 -4.32
N ASP B 202 10.41 0.27 -3.57
CA ASP B 202 10.91 -0.67 -2.56
C ASP B 202 11.02 -2.04 -3.20
N LEU B 203 12.23 -2.41 -3.62
CA LEU B 203 12.43 -3.57 -4.49
C LEU B 203 13.16 -4.73 -3.82
N PHE B 204 12.58 -5.91 -3.92
CA PHE B 204 13.25 -7.12 -3.48
C PHE B 204 14.63 -7.31 -4.11
N GLU B 205 15.56 -7.83 -3.32
CA GLU B 205 16.92 -8.07 -3.79
C GLU B 205 16.94 -8.84 -5.12
N GLY B 206 16.05 -9.82 -5.26
CA GLY B 206 16.01 -10.65 -6.46
C GLY B 206 15.54 -9.95 -7.72
N TYR B 207 15.09 -8.71 -7.59
CA TYR B 207 14.72 -7.90 -8.76
C TYR B 207 15.88 -7.02 -9.25
N LEU B 208 17.02 -7.08 -8.56
CA LEU B 208 18.09 -6.12 -8.78
C LEU B 208 19.39 -6.77 -9.23
N GLU B 209 20.22 -5.98 -9.90
CA GLU B 209 21.58 -6.39 -10.30
C GLU B 209 22.49 -5.17 -10.26
N PRO B 210 23.81 -5.40 -10.14
CA PRO B 210 24.74 -4.26 -10.21
C PRO B 210 24.57 -3.47 -11.52
N ALA B 211 24.69 -2.15 -11.45
CA ALA B 211 24.56 -1.31 -12.65
C ALA B 211 25.84 -1.34 -13.47
FE FE C . -1.24 -1.63 -1.89
C TB0 D . -2.59 -2.77 -0.74
N TB0 D . -3.30 -4.18 0.39
C2 TB0 D . -3.75 -5.36 1.09
C4 TB0 D . -3.04 -5.40 2.40
C3 TB0 D . -3.28 -6.55 0.37
C1 TB0 D . -5.27 -5.45 1.24
MG MG E . 11.41 25.69 15.51
MG MG F . 1.54 27.30 25.17
MG MG G . 1.78 -2.56 -18.11
MG MG H . -20.75 -2.37 -9.70
C TRS I . 2.36 14.80 -18.10
C1 TRS I . 3.47 15.84 -17.97
C2 TRS I . 1.10 15.26 -17.38
C3 TRS I . 2.82 13.46 -17.54
N TRS I . 2.03 14.64 -19.53
O1 TRS I . 3.91 15.92 -16.63
O2 TRS I . 0.75 16.54 -17.87
O3 TRS I . 1.77 12.50 -17.64
#